data_4LHL
#
_entry.id   4LHL
#
_cell.length_a   45.800
_cell.length_b   61.770
_cell.length_c   106.730
_cell.angle_alpha   90.00
_cell.angle_beta   90.00
_cell.angle_gamma   90.00
#
_symmetry.space_group_name_H-M   'P 21 21 21'
#
loop_
_entity.id
_entity.type
_entity.pdbx_description
1 polymer 'Flocculation protein FLO1'
2 non-polymer 'SODIUM ION'
3 water water
#
_entity_poly.entity_id   1
_entity_poly.type   'polypeptide(L)'
_entity_poly.pdbx_seq_one_letter_code
;SGATEACLPAGQRKSGMNINFYQYSLKDSSTYSNAAYMAYGYASKTKLGSVGGQTDISIDYNIPCVSSSGTFPCPQEDSY
GNWGCKGMGACSNSQGIAYWSTDLFGFYTTPTNVTLEMTGYFLPPQTGSYTFKFATVDDSAILSVGGATAFNCCAQQQPP
ITSTNFTIDGIKPWGGSLPPNIEGTVYMYAGYYYPMKVVYSNAVSWGTLPISVTLPDGTTVSDDFEGYVYSFDDDLSQSN
CTVPDPSNYLEVLFQGPHHHHHH
;
_entity_poly.pdbx_strand_id   A
#
loop_
_chem_comp.id
_chem_comp.type
_chem_comp.name
_chem_comp.formula
NA non-polymer 'SODIUM ION' 'Na 1'
#
# COMPACT_ATOMS: atom_id res chain seq x y z
N ALA A 3 -12.67 -10.17 -17.01
CA ALA A 3 -12.68 -8.70 -16.65
C ALA A 3 -12.47 -8.51 -15.16
N THR A 4 -11.81 -7.42 -14.83
CA THR A 4 -11.71 -7.02 -13.43
C THR A 4 -13.03 -6.36 -13.00
N GLU A 5 -13.55 -6.78 -11.84
CA GLU A 5 -14.78 -6.22 -11.29
C GLU A 5 -14.51 -4.80 -10.80
N ALA A 6 -15.39 -3.88 -11.11
CA ALA A 6 -15.40 -2.53 -10.63
C ALA A 6 -16.77 -2.18 -9.99
N CYS A 7 -16.87 -0.94 -9.58
CA CYS A 7 -18.02 -0.48 -8.82
C CYS A 7 -18.43 0.94 -9.17
N LEU A 8 -19.67 1.27 -8.81
CA LEU A 8 -20.21 2.65 -8.95
C LEU A 8 -20.87 3.04 -7.63
N PRO A 9 -20.08 3.45 -6.62
CA PRO A 9 -20.64 3.83 -5.32
C PRO A 9 -21.36 5.16 -5.48
N ALA A 10 -22.56 5.23 -4.90
CA ALA A 10 -23.44 6.37 -5.04
C ALA A 10 -23.31 7.38 -3.94
N GLY A 11 -22.48 7.08 -2.93
CA GLY A 11 -22.42 7.91 -1.72
C GLY A 11 -21.35 9.01 -1.93
N GLN A 12 -21.05 9.78 -0.87
CA GLN A 12 -20.09 10.92 -0.95
C GLN A 12 -18.69 10.42 -1.09
N ARG A 13 -18.05 10.87 -2.17
CA ARG A 13 -16.67 10.51 -2.50
C ARG A 13 -15.74 11.40 -1.61
N LYS A 14 -14.66 10.79 -1.10
CA LYS A 14 -13.61 11.43 -0.37
C LYS A 14 -12.29 11.19 -1.12
N SER A 15 -11.43 12.21 -1.15
CA SER A 15 -10.16 12.09 -1.80
C SER A 15 -9.22 11.22 -0.92
N GLY A 16 -8.47 10.30 -1.53
CA GLY A 16 -7.45 9.59 -0.83
C GLY A 16 -7.89 8.17 -0.35
N MET A 17 -6.91 7.44 0.19
CA MET A 17 -6.99 6.11 0.68
C MET A 17 -7.07 6.14 2.21
N ASN A 18 -7.72 5.10 2.74
CA ASN A 18 -7.65 4.79 4.14
C ASN A 18 -6.46 3.89 4.41
N ILE A 19 -5.75 4.18 5.52
CA ILE A 19 -4.62 3.40 6.04
C ILE A 19 -4.97 2.79 7.38
N ASN A 20 -5.01 1.47 7.48
CA ASN A 20 -5.17 0.78 8.79
C ASN A 20 -3.80 0.20 9.11
N PHE A 21 -3.43 0.32 10.38
CA PHE A 21 -2.14 -0.18 10.87
C PHE A 21 -2.36 -1.32 11.84
N TYR A 22 -1.54 -2.36 11.75
CA TYR A 22 -1.65 -3.54 12.60
C TYR A 22 -0.26 -3.93 13.14
N GLN A 23 -0.28 -4.58 14.30
CA GLN A 23 0.92 -5.04 14.95
C GLN A 23 1.70 -6.02 14.10
N TYR A 24 3.04 -5.86 14.11
CA TYR A 24 3.95 -6.78 13.50
C TYR A 24 5.23 -6.77 14.34
N SER A 25 5.73 -7.99 14.62
CA SER A 25 6.81 -8.10 15.59
C SER A 25 8.17 -7.78 14.94
N LEU A 26 8.95 -7.00 15.72
CA LEU A 26 10.31 -6.66 15.31
C LEU A 26 11.07 -7.92 15.04
N LYS A 27 11.73 -7.95 13.91
CA LYS A 27 12.66 -8.98 13.44
C LYS A 27 11.96 -10.32 13.17
N ASP A 28 10.62 -10.28 12.97
CA ASP A 28 9.90 -11.46 12.47
C ASP A 28 9.97 -11.52 10.94
N SER A 29 10.86 -12.36 10.44
CA SER A 29 11.10 -12.44 9.03
C SER A 29 10.28 -13.57 8.37
N SER A 30 9.42 -14.26 9.15
CA SER A 30 8.67 -15.35 8.55
C SER A 30 7.18 -15.05 8.38
N THR A 31 6.53 -14.34 9.29
CA THR A 31 5.09 -14.16 9.20
C THR A 31 4.64 -13.50 7.88
N TYR A 32 5.36 -12.47 7.46
CA TYR A 32 5.03 -11.82 6.23
C TYR A 32 5.47 -12.48 4.93
N SER A 33 5.92 -13.71 5.03
CA SER A 33 6.31 -14.51 3.88
C SER A 33 5.16 -15.39 3.37
N ASN A 34 4.03 -15.33 4.05
CA ASN A 34 2.88 -16.16 3.76
C ASN A 34 1.77 -15.36 3.05
N ALA A 35 1.24 -15.91 1.93
CA ALA A 35 0.16 -15.25 1.20
C ALA A 35 -1.10 -14.98 2.04
N ALA A 36 -1.50 -15.96 2.84
CA ALA A 36 -2.68 -15.75 3.70
C ALA A 36 -2.55 -14.59 4.67
N TYR A 37 -1.41 -14.46 5.27
CA TYR A 37 -1.12 -13.35 6.15
C TYR A 37 -1.25 -12.05 5.43
N MET A 38 -0.60 -11.96 4.26
CA MET A 38 -0.60 -10.68 3.54
C MET A 38 -1.96 -10.28 2.91
N ALA A 39 -2.72 -11.29 2.48
CA ALA A 39 -4.05 -11.04 1.93
C ALA A 39 -5.05 -10.63 3.03
N TYR A 40 -5.03 -11.30 4.18
CA TYR A 40 -6.01 -11.08 5.22
C TYR A 40 -5.60 -11.36 6.70
N GLY A 41 -4.65 -12.23 6.91
CA GLY A 41 -4.28 -12.60 8.28
C GLY A 41 -3.76 -11.46 9.09
N TYR A 42 -3.24 -10.45 8.42
CA TYR A 42 -2.71 -9.31 9.16
C TYR A 42 -3.76 -8.69 10.11
N ALA A 43 -5.03 -8.75 9.72
CA ALA A 43 -6.10 -8.14 10.47
C ALA A 43 -6.52 -8.93 11.71
N SER A 44 -5.95 -10.11 11.89
CA SER A 44 -6.23 -10.93 13.10
C SER A 44 -5.25 -10.52 14.26
N LYS A 45 -4.24 -9.68 13.95
CA LYS A 45 -3.35 -9.13 14.94
C LYS A 45 -3.98 -7.83 15.43
N THR A 46 -3.39 -7.27 16.48
CA THR A 46 -3.89 -6.07 17.08
C THR A 46 -3.89 -4.90 16.13
N LYS A 47 -5.02 -4.25 16.01
CA LYS A 47 -5.17 -3.02 15.23
C LYS A 47 -4.61 -1.84 16.02
N LEU A 48 -3.62 -1.19 15.44
CA LEU A 48 -2.94 -0.08 16.09
C LEU A 48 -3.70 1.23 15.91
N GLY A 49 -4.32 1.40 14.74
CA GLY A 49 -4.99 2.66 14.48
C GLY A 49 -5.21 2.85 12.97
N SER A 50 -5.60 4.08 12.59
CA SER A 50 -5.91 4.37 11.19
C SER A 50 -5.89 5.85 10.92
N VAL A 51 -5.58 6.18 9.65
CA VAL A 51 -5.73 7.49 9.11
C VAL A 51 -6.42 7.40 7.75
N GLY A 52 -7.04 8.50 7.33
CA GLY A 52 -7.74 8.49 6.08
C GLY A 52 -7.27 9.66 5.20
N GLY A 53 -7.79 9.64 4.00
CA GLY A 53 -7.55 10.74 3.06
C GLY A 53 -6.16 10.89 2.50
N GLN A 54 -5.46 9.78 2.39
CA GLN A 54 -4.07 9.82 2.01
C GLN A 54 -3.94 9.65 0.50
N THR A 55 -3.32 10.64 -0.13
CA THR A 55 -3.08 10.54 -1.61
C THR A 55 -1.63 10.24 -2.01
N ASP A 56 -0.68 10.54 -1.12
CA ASP A 56 0.74 10.22 -1.35
C ASP A 56 0.98 8.90 -0.65
N ILE A 57 1.15 7.85 -1.43
CA ILE A 57 1.15 6.51 -0.92
C ILE A 57 2.43 5.75 -0.95
N SER A 58 3.48 6.31 -1.53
CA SER A 58 4.78 5.64 -1.48
C SER A 58 5.35 5.68 -0.09
N ILE A 59 6.12 4.65 0.24
CA ILE A 59 6.82 4.55 1.56
C ILE A 59 8.32 4.68 1.33
N ASP A 60 8.92 5.53 2.15
CA ASP A 60 10.39 5.68 2.16
C ASP A 60 10.82 6.04 3.61
N TYR A 61 10.90 5.00 4.41
CA TYR A 61 11.19 5.13 5.83
C TYR A 61 12.67 4.83 6.08
N ASN A 62 13.32 5.83 6.63
CA ASN A 62 14.76 5.75 6.96
C ASN A 62 14.93 5.87 8.47
N ILE A 63 15.65 4.92 9.08
CA ILE A 63 15.90 4.95 10.46
C ILE A 63 16.82 6.07 10.89
N PRO A 64 16.78 6.48 12.16
CA PRO A 64 17.70 7.51 12.65
C PRO A 64 19.15 7.07 12.63
N CYS A 65 20.02 8.06 12.47
CA CYS A 65 21.44 7.96 12.83
C CYS A 65 21.70 9.00 13.91
N VAL A 66 21.99 8.53 15.13
CA VAL A 66 22.33 9.35 16.25
C VAL A 66 23.83 9.65 16.21
N SER A 67 24.18 10.90 15.96
CA SER A 67 25.58 11.38 15.93
C SER A 67 25.81 12.54 16.92
N SER A 68 27.07 12.93 17.22
CA SER A 68 27.21 14.08 18.15
C SER A 68 26.61 15.36 17.57
N SER A 69 26.42 15.39 16.25
CA SER A 69 25.85 16.61 15.72
C SER A 69 24.30 16.59 15.71
N GLY A 70 23.73 15.49 16.13
CA GLY A 70 22.28 15.34 16.36
C GLY A 70 21.76 14.07 15.73
N THR A 71 20.46 13.96 15.65
CA THR A 71 19.79 12.76 15.14
C THR A 71 19.11 13.08 13.83
N PHE A 72 19.43 12.35 12.80
CA PHE A 72 18.93 12.56 11.43
C PHE A 72 18.66 11.28 10.73
N PRO A 73 17.68 11.29 9.84
CA PRO A 73 17.32 10.03 9.18
C PRO A 73 18.45 9.64 8.19
N CYS A 74 18.79 8.35 8.14
CA CYS A 74 19.85 7.92 7.26
C CYS A 74 19.26 7.26 6.00
N PRO A 75 19.49 7.84 4.81
CA PRO A 75 19.05 7.16 3.60
C PRO A 75 19.70 5.75 3.54
N GLN A 76 18.98 4.78 3.12
CA GLN A 76 19.44 3.42 3.19
C GLN A 76 20.82 3.25 2.49
N GLU A 77 20.88 3.84 1.31
CA GLU A 77 22.09 3.75 0.47
C GLU A 77 23.30 4.46 1.06
N ASP A 78 23.12 5.31 2.10
CA ASP A 78 24.20 6.03 2.74
C ASP A 78 24.67 5.32 4.01
N SER A 79 24.03 4.20 4.35
CA SER A 79 24.53 3.45 5.55
C SER A 79 25.81 2.70 5.08
N TYR A 80 26.75 2.58 6.01
CA TYR A 80 27.97 1.83 5.74
C TYR A 80 28.59 1.30 7.02
N GLY A 81 29.56 0.41 6.89
CA GLY A 81 30.29 -0.03 8.09
C GLY A 81 29.36 -0.68 9.08
N ASN A 82 29.71 -0.51 10.35
CA ASN A 82 29.06 -1.22 11.46
C ASN A 82 28.62 -0.38 12.62
N TRP A 83 28.00 0.83 12.44
CA TRP A 83 27.59 1.44 11.17
C TRP A 83 27.65 2.99 11.33
N GLY A 84 27.71 3.68 10.19
CA GLY A 84 27.69 5.07 10.00
C GLY A 84 26.77 5.39 8.90
N CYS A 85 26.56 6.67 8.70
CA CYS A 85 25.79 7.24 7.61
C CYS A 85 26.63 8.33 6.93
N LYS A 86 26.75 8.25 5.62
CA LYS A 86 27.60 9.14 4.85
C LYS A 86 27.25 10.61 5.21
N GLY A 87 28.26 11.40 5.58
CA GLY A 87 28.07 12.80 5.92
C GLY A 87 27.72 13.01 7.38
N MET A 88 27.62 11.91 8.14
CA MET A 88 27.25 11.99 9.55
C MET A 88 28.23 11.35 10.51
N GLY A 89 29.12 10.49 10.00
CA GLY A 89 30.01 9.71 10.84
C GLY A 89 29.34 8.45 11.38
N ALA A 90 29.94 7.89 12.43
CA ALA A 90 29.39 6.71 13.05
C ALA A 90 28.08 7.03 13.82
N CYS A 91 27.19 6.05 13.79
CA CYS A 91 25.94 6.15 14.48
C CYS A 91 25.99 5.41 15.83
N SER A 92 25.48 6.01 16.89
CA SER A 92 25.52 5.41 18.21
C SER A 92 24.32 4.53 18.56
N ASN A 93 23.38 4.45 17.67
CA ASN A 93 22.14 3.74 17.88
C ASN A 93 22.08 2.50 17.04
N SER A 94 21.32 1.49 17.49
CA SER A 94 21.23 0.26 16.78
C SER A 94 20.32 0.21 15.59
N GLN A 95 20.76 -0.50 14.56
CA GLN A 95 19.86 -0.84 13.44
C GLN A 95 18.72 -1.77 13.79
N GLY A 96 18.87 -2.49 14.87
CA GLY A 96 18.03 -3.60 15.17
C GLY A 96 16.97 -3.44 16.26
N ILE A 97 16.70 -2.19 16.68
CA ILE A 97 15.63 -1.96 17.63
C ILE A 97 14.46 -1.26 16.92
N ALA A 98 13.32 -1.19 17.59
CA ALA A 98 12.17 -0.45 17.10
C ALA A 98 12.43 1.05 17.23
N TYR A 99 11.89 1.81 16.28
CA TYR A 99 11.87 3.23 16.25
C TYR A 99 10.43 3.74 16.03
N TRP A 100 10.16 4.88 16.71
CA TRP A 100 8.85 5.55 16.66
C TRP A 100 8.92 6.82 15.79
N SER A 101 7.97 6.94 14.89
CA SER A 101 7.96 8.07 13.96
C SER A 101 6.55 8.22 13.39
N THR A 102 6.31 9.44 12.88
CA THR A 102 5.11 9.69 12.08
C THR A 102 5.32 9.58 10.56
N ASP A 103 6.44 9.01 10.14
CA ASP A 103 6.79 9.01 8.72
C ASP A 103 5.71 8.30 7.87
N LEU A 104 5.06 7.26 8.43
CA LEU A 104 3.96 6.57 7.70
C LEU A 104 2.64 7.35 7.91
N PHE A 105 2.34 8.22 6.95
CA PHE A 105 1.01 8.80 6.84
C PHE A 105 0.61 9.68 8.03
N GLY A 106 1.58 10.16 8.79
CA GLY A 106 1.40 10.99 9.94
C GLY A 106 0.95 10.27 11.19
N PHE A 107 0.87 8.95 11.13
CA PHE A 107 0.43 8.17 12.27
C PHE A 107 1.65 7.79 13.10
N TYR A 108 1.62 8.03 14.40
CA TYR A 108 2.75 7.77 15.26
C TYR A 108 2.74 6.28 15.62
N THR A 109 3.76 5.60 15.10
CA THR A 109 3.85 4.14 15.26
C THR A 109 5.35 3.77 15.11
N THR A 110 5.59 2.47 14.95
CA THR A 110 6.93 1.96 14.70
C THR A 110 7.05 1.51 13.23
N PRO A 111 7.63 2.39 12.37
CA PRO A 111 7.74 1.97 10.95
C PRO A 111 8.75 0.84 10.74
N THR A 112 9.61 0.62 11.72
CA THR A 112 10.51 -0.54 11.67
C THR A 112 9.81 -1.84 11.73
N ASN A 113 8.57 -1.90 12.29
CA ASN A 113 7.90 -3.17 12.55
C ASN A 113 6.42 -2.90 12.62
N VAL A 114 5.74 -3.15 11.52
CA VAL A 114 4.34 -2.80 11.39
C VAL A 114 3.81 -3.43 10.11
N THR A 115 2.52 -3.64 10.07
CA THR A 115 1.85 -3.92 8.82
C THR A 115 0.78 -2.92 8.58
N LEU A 116 0.66 -2.47 7.35
CA LEU A 116 -0.44 -1.57 7.04
C LEU A 116 -1.22 -1.98 5.82
N GLU A 117 -2.49 -1.56 5.78
CA GLU A 117 -3.42 -1.86 4.71
C GLU A 117 -3.90 -0.53 4.21
N MET A 118 -3.66 -0.28 2.93
CA MET A 118 -4.18 0.87 2.19
C MET A 118 -5.39 0.42 1.39
N THR A 119 -6.52 1.09 1.55
CA THR A 119 -7.70 0.76 0.74
C THR A 119 -8.27 2.04 0.14
N GLY A 120 -8.87 1.87 -1.02
CA GLY A 120 -9.55 2.94 -1.72
C GLY A 120 -9.97 2.40 -3.07
N TYR A 121 -10.43 3.32 -3.87
CA TYR A 121 -10.92 2.97 -5.20
C TYR A 121 -10.08 3.82 -6.19
N PHE A 122 -9.54 3.13 -7.19
CA PHE A 122 -8.78 3.80 -8.26
C PHE A 122 -9.76 4.15 -9.39
N LEU A 123 -9.71 5.40 -9.81
CA LEU A 123 -10.62 5.89 -10.85
C LEU A 123 -9.81 6.15 -12.14
N PRO A 124 -9.94 5.26 -13.12
CA PRO A 124 -9.16 5.43 -14.36
C PRO A 124 -9.79 6.59 -15.16
N PRO A 125 -8.97 7.53 -15.65
CA PRO A 125 -9.47 8.59 -16.52
C PRO A 125 -9.61 8.15 -18.00
N GLN A 126 -8.93 7.06 -18.37
CA GLN A 126 -8.80 6.53 -19.73
C GLN A 126 -9.02 5.04 -19.68
N THR A 127 -9.73 4.53 -20.68
CA THR A 127 -9.87 3.09 -20.84
C THR A 127 -8.59 2.53 -21.41
N GLY A 128 -8.12 1.41 -20.88
CA GLY A 128 -6.94 0.73 -21.33
C GLY A 128 -6.15 0.01 -20.26
N SER A 129 -4.95 -0.39 -20.65
CA SER A 129 -4.05 -1.17 -19.82
C SER A 129 -3.26 -0.23 -18.83
N TYR A 130 -3.33 -0.52 -17.51
CA TYR A 130 -2.63 0.21 -16.46
C TYR A 130 -1.64 -0.78 -15.90
N THR A 131 -0.37 -0.35 -15.82
CA THR A 131 0.68 -1.22 -15.24
C THR A 131 1.18 -0.63 -13.91
N PHE A 132 0.76 -1.29 -12.81
CA PHE A 132 1.15 -0.87 -11.48
C PHE A 132 2.54 -1.43 -11.21
N LYS A 133 3.31 -0.71 -10.39
CA LYS A 133 4.67 -1.16 -10.14
C LYS A 133 5.08 -0.82 -8.68
N PHE A 134 5.83 -1.76 -8.10
CA PHE A 134 6.63 -1.46 -6.89
C PHE A 134 8.12 -1.45 -7.30
N ALA A 135 8.81 -0.33 -7.16
CA ALA A 135 10.20 -0.24 -7.66
C ALA A 135 11.13 -1.16 -6.87
N THR A 136 10.88 -1.28 -5.57
CA THR A 136 11.57 -2.14 -4.66
C THR A 136 10.56 -2.42 -3.52
N VAL A 137 10.87 -3.41 -2.64
CA VAL A 137 10.02 -3.79 -1.50
C VAL A 137 10.92 -4.06 -0.29
N ASP A 138 10.84 -3.23 0.75
CA ASP A 138 11.46 -3.51 2.05
C ASP A 138 10.34 -3.39 3.08
N ASP A 139 9.73 -4.48 3.56
CA ASP A 139 10.11 -5.89 3.40
C ASP A 139 9.21 -6.79 2.57
N SER A 140 7.89 -6.63 2.71
CA SER A 140 6.96 -7.55 2.00
C SER A 140 5.71 -6.70 1.69
N ALA A 141 5.16 -6.93 0.48
CA ALA A 141 4.00 -6.15 0.04
C ALA A 141 3.21 -6.86 -1.03
N ILE A 142 1.93 -6.56 -1.08
CA ILE A 142 1.07 -6.98 -2.21
C ILE A 142 0.23 -5.81 -2.67
N LEU A 143 -0.22 -5.84 -3.91
CA LEU A 143 -1.26 -4.98 -4.45
C LEU A 143 -2.31 -5.87 -5.07
N SER A 144 -3.56 -5.60 -4.74
CA SER A 144 -4.75 -6.23 -5.40
C SER A 144 -5.66 -5.13 -5.91
N VAL A 145 -6.16 -5.40 -7.12
CA VAL A 145 -7.13 -4.49 -7.77
C VAL A 145 -8.31 -5.31 -8.27
N GLY A 146 -9.48 -4.89 -7.89
CA GLY A 146 -10.72 -5.46 -8.36
C GLY A 146 -11.67 -5.83 -7.20
N GLY A 147 -12.98 -5.74 -7.48
CA GLY A 147 -13.97 -6.09 -6.48
C GLY A 147 -13.95 -7.54 -6.03
N ALA A 148 -13.31 -8.46 -6.74
CA ALA A 148 -13.29 -9.83 -6.17
C ALA A 148 -11.91 -10.16 -5.61
N THR A 149 -11.02 -9.16 -5.60
CA THR A 149 -9.60 -9.43 -5.28
C THR A 149 -9.06 -8.47 -4.21
N ALA A 150 -9.45 -7.19 -4.27
CA ALA A 150 -8.99 -6.22 -3.28
C ALA A 150 -9.95 -6.17 -2.09
N PHE A 151 -11.22 -5.86 -2.34
CA PHE A 151 -12.28 -5.80 -1.35
C PHE A 151 -13.56 -5.68 -2.16
N ASN A 152 -14.71 -5.88 -1.50
CA ASN A 152 -15.99 -5.90 -2.20
C ASN A 152 -16.52 -4.49 -2.38
N CYS A 153 -17.21 -4.31 -3.51
CA CYS A 153 -17.75 -3.03 -3.86
C CYS A 153 -18.67 -2.51 -2.74
N CYS A 154 -18.53 -1.21 -2.46
CA CYS A 154 -19.33 -0.48 -1.45
C CYS A 154 -19.10 -1.09 -0.04
N ALA A 155 -17.95 -1.76 0.14
CA ALA A 155 -17.61 -2.42 1.41
C ALA A 155 -16.15 -2.26 1.76
N GLN A 156 -15.66 -1.05 1.51
CA GLN A 156 -14.27 -0.69 1.77
C GLN A 156 -13.82 -0.90 3.20
N GLN A 157 -14.73 -0.69 4.16
CA GLN A 157 -14.38 -0.73 5.57
C GLN A 157 -14.59 -2.10 6.23
N GLN A 158 -15.00 -3.12 5.49
CA GLN A 158 -15.27 -4.44 6.05
C GLN A 158 -13.99 -5.21 6.33
N PRO A 159 -14.09 -6.32 7.08
CA PRO A 159 -12.90 -7.15 7.23
C PRO A 159 -12.34 -7.62 5.88
N PRO A 160 -11.04 -7.92 5.83
CA PRO A 160 -10.47 -8.24 4.52
C PRO A 160 -11.07 -9.50 3.94
N ILE A 161 -11.15 -9.51 2.63
CA ILE A 161 -11.49 -10.70 1.91
C ILE A 161 -10.31 -11.66 1.77
N THR A 162 -10.57 -12.92 1.43
CA THR A 162 -9.48 -13.91 1.45
C THR A 162 -8.71 -14.15 0.14
N SER A 163 -8.99 -13.43 -0.92
CA SER A 163 -8.31 -13.64 -2.17
C SER A 163 -6.82 -13.45 -2.09
N THR A 164 -6.10 -14.44 -2.64
CA THR A 164 -4.68 -14.37 -2.83
C THR A 164 -4.28 -14.13 -4.27
N ASN A 165 -5.24 -13.70 -5.10
CA ASN A 165 -4.97 -13.47 -6.53
C ASN A 165 -4.41 -12.05 -6.73
N PHE A 166 -3.21 -11.86 -6.25
CA PHE A 166 -2.62 -10.53 -6.25
C PHE A 166 -2.28 -10.00 -7.64
N THR A 167 -2.50 -8.68 -7.78
CA THR A 167 -2.07 -7.97 -8.92
C THR A 167 -0.55 -7.84 -8.94
N ILE A 168 0.06 -7.45 -7.81
CA ILE A 168 1.51 -7.51 -7.64
C ILE A 168 1.79 -8.35 -6.39
N ASP A 169 2.55 -9.42 -6.58
CA ASP A 169 3.00 -10.25 -5.50
C ASP A 169 4.44 -9.87 -5.16
N GLY A 170 4.55 -9.08 -4.11
CA GLY A 170 5.84 -8.64 -3.62
C GLY A 170 6.13 -9.27 -2.25
N ILE A 171 5.62 -10.46 -2.04
CA ILE A 171 5.82 -11.15 -0.75
C ILE A 171 7.26 -11.62 -0.65
N LYS A 172 7.84 -11.37 0.54
CA LYS A 172 9.25 -11.69 0.77
C LYS A 172 9.40 -13.22 0.71
N PRO A 173 10.18 -13.72 -0.24
CA PRO A 173 10.38 -15.19 -0.36
C PRO A 173 11.10 -15.79 0.86
N SER A 177 15.29 -12.43 -1.40
CA SER A 177 14.60 -11.22 -1.87
C SER A 177 14.14 -11.28 -3.36
N LEU A 178 13.22 -10.38 -3.72
CA LEU A 178 12.66 -10.34 -5.08
C LEU A 178 13.41 -9.36 -5.92
N PRO A 179 13.27 -9.51 -7.26
CA PRO A 179 13.83 -8.45 -8.12
C PRO A 179 13.20 -7.10 -7.88
N PRO A 180 13.88 -6.04 -8.40
CA PRO A 180 13.30 -4.68 -8.46
C PRO A 180 12.25 -4.62 -9.55
N ASN A 181 11.35 -3.65 -9.41
CA ASN A 181 10.42 -3.34 -10.46
C ASN A 181 9.43 -4.46 -10.80
N ILE A 182 8.76 -4.89 -9.76
CA ILE A 182 7.74 -5.88 -9.81
C ILE A 182 6.45 -5.22 -10.23
N GLU A 183 5.76 -5.77 -11.22
CA GLU A 183 4.72 -5.06 -11.90
C GLU A 183 3.51 -5.99 -12.05
N GLY A 184 2.35 -5.39 -12.20
CA GLY A 184 1.13 -6.14 -12.55
C GLY A 184 0.18 -5.22 -13.31
N THR A 185 -0.47 -5.75 -14.34
CA THR A 185 -1.29 -4.99 -15.26
C THR A 185 -2.77 -5.31 -15.06
N VAL A 186 -3.58 -4.26 -15.20
CA VAL A 186 -5.04 -4.36 -15.06
C VAL A 186 -5.59 -3.59 -16.26
N TYR A 187 -6.53 -4.19 -16.98
CA TYR A 187 -7.27 -3.48 -18.01
C TYR A 187 -8.49 -2.83 -17.34
N MET A 188 -8.58 -1.52 -17.51
CA MET A 188 -9.58 -0.72 -16.82
C MET A 188 -10.41 0.16 -17.76
N TYR A 189 -11.69 0.27 -17.42
CA TYR A 189 -12.65 1.10 -18.16
C TYR A 189 -12.83 2.43 -17.49
N ALA A 190 -12.73 3.52 -18.26
CA ALA A 190 -12.87 4.88 -17.67
C ALA A 190 -14.13 5.09 -16.91
N GLY A 191 -14.00 5.77 -15.77
CA GLY A 191 -15.14 6.17 -15.00
C GLY A 191 -15.66 5.25 -13.96
N TYR A 192 -15.22 3.98 -13.99
CA TYR A 192 -15.64 3.03 -12.99
C TYR A 192 -14.62 3.06 -11.85
N TYR A 193 -15.09 2.78 -10.65
CA TYR A 193 -14.23 2.80 -9.47
C TYR A 193 -13.75 1.37 -9.15
N TYR A 194 -12.41 1.16 -9.14
CA TYR A 194 -11.80 -0.16 -8.97
C TYR A 194 -11.29 -0.26 -7.56
N PRO A 195 -11.83 -1.19 -6.77
CA PRO A 195 -11.21 -1.42 -5.44
C PRO A 195 -9.73 -1.70 -5.55
N MET A 196 -8.98 -1.09 -4.62
CA MET A 196 -7.51 -1.17 -4.59
C MET A 196 -7.10 -1.41 -3.17
N LYS A 197 -6.24 -2.44 -2.96
CA LYS A 197 -5.69 -2.72 -1.65
C LYS A 197 -4.17 -2.91 -1.78
N VAL A 198 -3.41 -2.21 -0.92
CA VAL A 198 -2.01 -2.49 -0.77
C VAL A 198 -1.80 -2.93 0.67
N VAL A 199 -1.11 -4.07 0.84
CA VAL A 199 -0.71 -4.46 2.18
C VAL A 199 0.80 -4.45 2.17
N TYR A 200 1.35 -3.83 3.20
CA TYR A 200 2.80 -3.59 3.29
C TYR A 200 3.24 -3.98 4.70
N SER A 201 4.38 -4.64 4.81
CA SER A 201 4.92 -4.98 6.09
C SER A 201 6.43 -4.77 6.10
N ASN A 202 6.89 -4.36 7.30
CA ASN A 202 8.31 -4.24 7.61
C ASN A 202 8.55 -4.98 8.94
N ALA A 203 9.73 -5.60 9.01
CA ALA A 203 10.18 -6.31 10.21
C ALA A 203 11.29 -5.58 10.93
N VAL A 204 12.14 -4.87 10.21
CA VAL A 204 13.29 -4.20 10.85
C VAL A 204 13.77 -3.04 9.96
N SER A 205 14.38 -2.07 10.61
CA SER A 205 15.10 -1.01 9.97
C SER A 205 14.31 -0.35 8.84
N TRP A 206 14.98 -0.16 7.73
CA TRP A 206 14.47 0.60 6.58
C TRP A 206 13.22 -0.02 5.99
N GLY A 207 12.33 0.85 5.54
CA GLY A 207 11.10 0.41 4.91
C GLY A 207 10.97 1.15 3.58
N THR A 208 10.54 0.45 2.50
CA THR A 208 10.49 1.11 1.20
C THR A 208 9.39 0.45 0.37
N LEU A 209 8.59 1.26 -0.25
CA LEU A 209 7.57 0.78 -1.21
C LEU A 209 7.24 1.94 -2.15
N PRO A 210 8.02 2.08 -3.25
CA PRO A 210 7.75 3.13 -4.24
C PRO A 210 6.71 2.68 -5.23
N ILE A 211 5.55 3.28 -5.15
CA ILE A 211 4.37 2.86 -5.90
C ILE A 211 4.18 3.76 -7.10
N SER A 212 3.95 3.18 -8.27
CA SER A 212 3.68 3.98 -9.47
C SER A 212 2.71 3.19 -10.37
N VAL A 213 2.14 3.90 -11.35
CA VAL A 213 1.30 3.28 -12.34
C VAL A 213 1.61 3.98 -13.66
N THR A 214 1.69 3.17 -14.70
CA THR A 214 1.77 3.69 -16.06
C THR A 214 0.38 3.58 -16.68
N LEU A 215 -0.09 4.72 -17.17
CA LEU A 215 -1.42 4.88 -17.78
C LEU A 215 -1.43 4.35 -19.19
N PRO A 216 -2.62 4.18 -19.76
CA PRO A 216 -2.71 3.69 -21.17
C PRO A 216 -1.94 4.55 -22.17
N ASP A 217 -1.92 5.84 -21.91
CA ASP A 217 -1.18 6.72 -22.79
C ASP A 217 0.34 6.77 -22.58
N GLY A 218 0.85 5.92 -21.66
CA GLY A 218 2.27 5.76 -21.48
C GLY A 218 2.87 6.66 -20.42
N THR A 219 2.09 7.58 -19.85
CA THR A 219 2.61 8.42 -18.80
C THR A 219 2.57 7.68 -17.47
N THR A 220 3.48 8.08 -16.59
CA THR A 220 3.67 7.42 -15.30
C THR A 220 3.28 8.42 -14.22
N VAL A 221 2.50 7.92 -13.24
CA VAL A 221 2.15 8.63 -12.03
C VAL A 221 2.85 7.87 -10.92
N SER A 222 3.67 8.61 -10.16
CA SER A 222 4.45 8.00 -9.09
C SER A 222 4.17 8.72 -7.78
N ASP A 223 3.94 7.94 -6.73
CA ASP A 223 3.83 8.40 -5.33
C ASP A 223 2.54 9.17 -4.96
N ASP A 224 2.31 10.28 -5.65
CA ASP A 224 1.12 11.15 -5.45
C ASP A 224 0.04 10.73 -6.41
N PHE A 225 -0.94 10.03 -5.87
CA PHE A 225 -2.12 9.53 -6.63
C PHE A 225 -3.36 10.40 -6.47
N GLU A 226 -3.18 11.70 -6.12
CA GLU A 226 -4.32 12.64 -6.01
C GLU A 226 -4.97 12.73 -7.39
N GLY A 227 -6.29 12.60 -7.40
CA GLY A 227 -7.10 12.58 -8.59
C GLY A 227 -7.37 11.22 -9.12
N TYR A 228 -6.70 10.21 -8.57
CA TYR A 228 -6.85 8.85 -8.97
C TYR A 228 -7.45 7.98 -7.89
N VAL A 229 -7.22 8.29 -6.62
CA VAL A 229 -7.69 7.43 -5.52
C VAL A 229 -8.64 8.09 -4.58
N TYR A 230 -9.70 7.34 -4.23
CA TYR A 230 -10.84 7.87 -3.50
C TYR A 230 -11.31 6.83 -2.47
N SER A 231 -12.03 7.32 -1.47
CA SER A 231 -12.68 6.45 -0.49
C SER A 231 -14.18 6.73 -0.46
N PHE A 232 -14.95 5.75 -0.08
CA PHE A 232 -16.38 5.86 0.19
C PHE A 232 -16.65 5.10 1.49
N ASP A 233 -17.51 5.68 2.32
CA ASP A 233 -18.04 4.92 3.46
C ASP A 233 -18.86 3.75 2.99
N ASP A 234 -18.84 2.65 3.75
CA ASP A 234 -19.55 1.44 3.34
C ASP A 234 -21.04 1.79 3.10
N ASP A 235 -21.61 1.18 2.07
CA ASP A 235 -23.06 1.10 1.92
C ASP A 235 -23.45 -0.27 1.36
N LEU A 236 -23.63 -1.22 2.28
CA LEU A 236 -23.93 -2.59 1.94
C LEU A 236 -25.33 -2.76 1.32
N SER A 237 -26.14 -1.70 1.39
CA SER A 237 -27.47 -1.71 0.88
C SER A 237 -27.62 -1.23 -0.56
N GLN A 238 -26.56 -0.68 -1.14
CA GLN A 238 -26.62 -0.18 -2.50
C GLN A 238 -26.60 -1.32 -3.50
N SER A 239 -27.77 -1.78 -3.89
CA SER A 239 -27.91 -3.03 -4.67
C SER A 239 -27.13 -3.03 -6.00
N ASN A 240 -27.09 -1.91 -6.70
CA ASN A 240 -26.45 -1.86 -8.04
C ASN A 240 -24.96 -1.51 -8.05
N CYS A 241 -24.33 -1.51 -6.89
CA CYS A 241 -22.99 -0.96 -6.75
C CYS A 241 -21.95 -1.77 -7.55
N THR A 242 -22.07 -3.10 -7.62
CA THR A 242 -21.05 -3.94 -8.22
C THR A 242 -21.30 -4.03 -9.72
N VAL A 243 -20.21 -3.88 -10.46
CA VAL A 243 -20.18 -3.99 -11.91
C VAL A 243 -19.18 -5.11 -12.30
N PRO A 244 -19.65 -6.36 -12.37
CA PRO A 244 -18.70 -7.42 -12.60
C PRO A 244 -17.91 -7.32 -13.90
N ASP A 245 -18.51 -6.73 -14.94
CA ASP A 245 -17.81 -6.57 -16.23
C ASP A 245 -18.17 -5.19 -16.78
N PRO A 246 -17.31 -4.21 -16.54
CA PRO A 246 -17.59 -2.86 -17.02
C PRO A 246 -17.72 -2.78 -18.53
N SER A 247 -17.11 -3.70 -19.25
CA SER A 247 -17.20 -3.63 -20.71
C SER A 247 -18.58 -4.10 -21.17
N ASN A 248 -19.41 -4.63 -20.28
CA ASN A 248 -20.83 -4.94 -20.58
C ASN A 248 -21.79 -4.31 -19.57
N TYR A 249 -21.46 -3.14 -19.02
CA TYR A 249 -22.44 -2.43 -18.11
C TYR A 249 -23.61 -1.88 -18.94
N LEU A 250 -24.86 -2.04 -18.49
CA LEU A 250 -25.99 -1.72 -19.31
C LEU A 250 -26.57 -0.30 -19.17
N GLU A 251 -26.08 0.53 -18.23
CA GLU A 251 -26.73 1.82 -18.09
C GLU A 251 -25.70 2.83 -18.56
N VAL A 252 -25.98 4.12 -18.34
CA VAL A 252 -25.19 5.24 -18.86
C VAL A 252 -24.33 5.76 -17.70
N LEU A 253 -23.02 5.83 -17.92
CA LEU A 253 -22.09 6.38 -16.97
C LEU A 253 -21.79 7.88 -17.26
NA NA B . 13.14 -3.49 6.51
#